data_4IAX
#
_entry.id   4IAX
#
_cell.length_a   60.120
_cell.length_b   60.120
_cell.length_c   110.550
_cell.angle_alpha   90.000
_cell.angle_beta   90.000
_cell.angle_gamma   90.000
#
_symmetry.space_group_name_H-M   'P 41 21 2'
#
loop_
_entity.id
_entity.type
_entity.pdbx_description
1 polymer 'Neutrophil gelatinase-associated lipocalin'
2 non-polymer N-{(1S,2S)-2-[bis(carboxymethyl)amino]cyclohexyl}-N-{(2R)-2-[bis(carboxymethyl)amino]-3-[4-({[2-hydroxy-1,1-bis(hydroxymethyl)ethyl]carbamothioyl}amino)phenyl]propyl}glycine
3 non-polymer 'YTTRIUM (III) ION'
4 water water
#
_entity_poly.entity_id   1
_entity_poly.type   'polypeptide(L)'
_entity_poly.pdbx_seq_one_letter_code
;QDSTSDLIPAPPLSKVPLQQNFQDNQFHGKWYQVGRAGNAAPPMDPELLLLTAQTYELKEDKSYDVTAVRFRKKMCEYLT
MTFVPSPQPGEFTLGNIKNYPGLTSYFVRVVSTNYNQHAMVFFKKVQQNREYFSISLLGRTKELASELKENFIRFSKSLG
LPENHIVFPVPIDQCIDGSAWSHPQFEK
;
_entity_poly.pdbx_strand_id   A
#
loop_
_chem_comp.id
_chem_comp.type
_chem_comp.name
_chem_comp.formula
LIZ non-polymer N-{(1S,2S)-2-[bis(carboxymethyl)amino]cyclohexyl}-N-{(2R)-2-[bis(carboxymethyl)amino]-3-[4-({[2-hydroxy-1,1-bis(hydroxymethyl)ethyl]carbamothioyl}amino)phenyl]propyl}glycine 'C30 H45 N5 O13 S'
YT3 non-polymer 'YTTRIUM (III) ION' 'Y 3'
#
# COMPACT_ATOMS: atom_id res chain seq x y z
N ASP A 6 5.36 15.84 -15.45
CA ASP A 6 5.13 14.42 -15.31
C ASP A 6 4.60 13.75 -14.04
N LEU A 7 4.59 14.37 -12.85
CA LEU A 7 3.95 13.70 -11.72
C LEU A 7 3.07 14.65 -10.96
N ILE A 8 1.95 14.15 -10.48
CA ILE A 8 1.13 14.91 -9.54
C ILE A 8 1.95 15.10 -8.25
N PRO A 9 2.04 16.37 -7.74
CA PRO A 9 2.89 16.62 -6.52
C PRO A 9 2.39 15.79 -5.33
N ALA A 10 3.32 15.30 -4.52
CA ALA A 10 2.94 14.61 -3.31
C ALA A 10 2.22 15.62 -2.42
N PRO A 11 1.24 15.17 -1.67
CA PRO A 11 0.57 16.15 -0.80
C PRO A 11 1.36 16.41 0.49
N PRO A 12 1.11 17.57 1.13
CA PRO A 12 1.69 17.72 2.46
C PRO A 12 1.10 16.64 3.34
N LEU A 13 1.95 16.13 4.23
CA LEU A 13 1.60 15.04 5.13
C LEU A 13 0.50 15.39 6.11
N SER A 14 0.22 16.69 6.29
CA SER A 14 -0.92 17.11 7.12
C SER A 14 -2.30 16.68 6.56
N LYS A 15 -2.35 16.41 5.25
CA LYS A 15 -3.58 16.00 4.54
C LYS A 15 -3.86 14.50 4.64
N VAL A 16 -2.95 13.80 5.30
CA VAL A 16 -2.94 12.36 5.47
C VAL A 16 -3.10 11.92 6.96
N PRO A 17 -4.30 11.47 7.35
CA PRO A 17 -4.57 11.03 8.73
C PRO A 17 -3.69 9.86 9.16
N LEU A 18 -3.52 9.68 10.47
CA LEU A 18 -2.74 8.54 10.99
C LEU A 18 -3.68 7.82 11.91
N GLN A 19 -3.83 6.51 11.71
CA GLN A 19 -4.70 5.70 12.55
C GLN A 19 -4.25 5.86 14.03
N GLN A 20 -5.19 6.21 14.91
CA GLN A 20 -4.80 6.45 16.32
C GLN A 20 -4.64 5.12 17.09
N ASN A 21 -3.67 5.06 18.02
CA ASN A 21 -3.43 3.87 18.85
C ASN A 21 -3.19 2.57 18.01
N PHE A 22 -2.40 2.71 16.97
CA PHE A 22 -2.12 1.61 16.06
C PHE A 22 -1.58 0.40 16.84
N GLN A 23 -2.21 -0.74 16.60
CA GLN A 23 -1.87 -2.02 17.23
C GLN A 23 -1.24 -2.90 16.20
N ASP A 24 0.09 -3.03 16.27
CA ASP A 24 0.85 -3.82 15.27
C ASP A 24 0.46 -5.27 15.19
N ASN A 25 0.05 -5.82 16.34
CA ASN A 25 -0.27 -7.22 16.39
C ASN A 25 -1.71 -7.47 15.97
N GLN A 26 -2.54 -6.45 15.81
CA GLN A 26 -3.83 -6.66 15.12
C GLN A 26 -3.73 -6.43 13.61
N PHE A 27 -2.71 -5.68 13.19
CA PHE A 27 -2.58 -5.34 11.75
C PHE A 27 -1.82 -6.43 10.97
N HIS A 28 -1.24 -7.39 11.67
CA HIS A 28 -0.41 -8.39 11.00
C HIS A 28 -1.25 -9.31 10.08
N GLY A 29 -0.56 -10.01 9.21
CA GLY A 29 -1.16 -11.12 8.51
C GLY A 29 -1.57 -10.71 7.12
N LYS A 30 -2.56 -11.43 6.60
CA LYS A 30 -2.91 -11.30 5.18
C LYS A 30 -3.91 -10.22 4.80
N TRP A 31 -3.51 -9.45 3.76
CA TRP A 31 -4.38 -8.44 3.21
C TRP A 31 -4.38 -8.46 1.66
N TYR A 32 -5.51 -8.12 1.07
CA TYR A 32 -5.63 -8.00 -0.41
C TYR A 32 -5.62 -6.52 -0.72
N GLN A 33 -4.86 -6.18 -1.76
CA GLN A 33 -4.84 -4.76 -2.23
C GLN A 33 -6.01 -4.48 -3.16
N VAL A 34 -7.17 -4.26 -2.55
CA VAL A 34 -8.45 -4.16 -3.27
C VAL A 34 -8.55 -2.83 -4.08
N GLY A 35 -7.90 -1.80 -3.60
CA GLY A 35 -7.87 -0.48 -4.30
C GLY A 35 -6.41 0.04 -4.33
N ARG A 36 -6.05 0.72 -5.42
CA ARG A 36 -4.74 1.39 -5.54
C ARG A 36 -4.99 2.78 -6.05
N ALA A 37 -4.20 3.75 -5.59
CA ALA A 37 -4.24 5.09 -6.16
C ALA A 37 -2.83 5.68 -6.01
N GLY A 38 -2.39 6.54 -6.92
CA GLY A 38 -1.04 7.07 -6.67
C GLY A 38 -0.68 7.92 -7.85
N ASN A 39 0.41 8.67 -7.74
CA ASN A 39 0.76 9.57 -8.88
C ASN A 39 1.51 8.84 -9.98
N ALA A 40 2.00 7.64 -9.71
CA ALA A 40 2.60 6.80 -10.78
C ALA A 40 1.57 6.56 -11.93
N ALA A 41 2.05 6.45 -13.16
CA ALA A 41 1.17 6.35 -14.32
C ALA A 41 0.38 5.04 -14.27
N PRO A 42 -0.89 5.04 -14.80
CA PRO A 42 -1.59 3.76 -14.92
C PRO A 42 -0.70 2.74 -15.70
N PRO A 43 -0.78 1.43 -15.36
CA PRO A 43 0.12 0.47 -16.02
C PRO A 43 -0.11 0.40 -17.52
N MET A 44 0.97 0.29 -18.27
CA MET A 44 0.83 0.04 -19.70
C MET A 44 0.47 -1.41 -19.92
N ASP A 45 0.71 -2.27 -18.92
CA ASP A 45 0.46 -3.69 -19.08
C ASP A 45 -0.78 -3.96 -18.23
N PRO A 46 -1.90 -4.24 -18.89
CA PRO A 46 -3.11 -4.30 -18.09
C PRO A 46 -3.11 -5.58 -17.27
N GLU A 47 -2.19 -6.51 -17.52
CA GLU A 47 -2.12 -7.67 -16.65
C GLU A 47 -1.75 -7.30 -15.19
N LEU A 48 -1.21 -6.12 -14.97
CA LEU A 48 -0.89 -5.71 -13.60
C LEU A 48 -2.16 -5.31 -12.82
N LEU A 49 -3.27 -5.26 -13.54
CA LEU A 49 -4.60 -4.97 -12.93
C LEU A 49 -5.29 -6.17 -12.25
N LEU A 50 -4.59 -7.26 -12.10
CA LEU A 50 -5.07 -8.39 -11.29
C LEU A 50 -4.76 -8.14 -9.82
N LEU A 51 -5.63 -8.63 -8.94
CA LEU A 51 -5.50 -8.40 -7.48
C LEU A 51 -4.23 -9.07 -6.92
N THR A 52 -3.55 -8.35 -6.01
CA THR A 52 -2.40 -8.84 -5.33
C THR A 52 -2.76 -9.06 -3.87
N ALA A 53 -1.91 -9.82 -3.20
CA ALA A 53 -2.09 -10.06 -1.81
C ALA A 53 -0.78 -9.70 -1.08
N GLN A 54 -0.91 -9.38 0.22
CA GLN A 54 0.29 -9.02 1.01
C GLN A 54 0.17 -9.67 2.36
N THR A 55 1.32 -10.03 2.93
CA THR A 55 1.36 -10.50 4.29
C THR A 55 2.25 -9.58 5.09
N TYR A 56 1.68 -8.99 6.12
CA TYR A 56 2.46 -8.18 7.06
C TYR A 56 2.91 -9.13 8.18
N GLU A 57 4.13 -9.65 8.07
CA GLU A 57 4.61 -10.64 9.03
C GLU A 57 5.32 -9.86 10.11
N LEU A 58 4.68 -9.78 11.28
CA LEU A 58 5.23 -9.05 12.45
C LEU A 58 6.40 -9.87 13.03
N LYS A 59 7.62 -9.34 12.98
CA LYS A 59 8.80 -10.07 13.43
C LYS A 59 9.05 -9.85 14.94
N GLU A 60 10.00 -10.62 15.45
CA GLU A 60 10.37 -10.58 16.88
C GLU A 60 10.82 -9.19 17.31
N ASP A 61 11.53 -8.51 16.41
CA ASP A 61 12.03 -7.14 16.63
C ASP A 61 11.01 -6.03 16.31
N LYS A 62 9.77 -6.44 16.01
CA LYS A 62 8.59 -5.53 15.81
C LYS A 62 8.56 -4.79 14.43
N SER A 63 9.51 -5.13 13.58
CA SER A 63 9.51 -4.77 12.17
C SER A 63 8.56 -5.74 11.47
N TYR A 64 8.10 -5.38 10.27
CA TYR A 64 7.27 -6.30 9.53
C TYR A 64 8.09 -6.72 8.34
N ASP A 65 8.05 -8.00 7.99
CA ASP A 65 8.58 -8.36 6.72
C ASP A 65 7.33 -8.46 5.83
N VAL A 66 7.13 -7.50 4.96
CA VAL A 66 5.85 -7.43 4.15
C VAL A 66 6.12 -8.10 2.84
N THR A 67 5.36 -9.17 2.54
CA THR A 67 5.58 -9.89 1.30
C THR A 67 4.34 -9.71 0.46
N ALA A 68 4.55 -9.26 -0.78
CA ALA A 68 3.44 -9.12 -1.72
C ALA A 68 3.63 -10.18 -2.80
N VAL A 69 2.51 -10.74 -3.26
CA VAL A 69 2.56 -11.66 -4.39
C VAL A 69 1.66 -11.13 -5.49
N ARG A 70 2.08 -11.35 -6.72
CA ARG A 70 1.13 -11.04 -7.83
C ARG A 70 1.24 -12.16 -8.88
N PHE A 71 0.19 -12.33 -9.67
CA PHE A 71 0.27 -13.25 -10.82
C PHE A 71 0.66 -12.45 -12.07
N ARG A 72 1.71 -12.90 -12.75
CA ARG A 72 2.12 -12.24 -13.98
C ARG A 72 2.90 -13.24 -14.84
N LYS A 73 2.60 -13.23 -16.14
CA LYS A 73 3.27 -14.10 -17.13
C LYS A 73 3.32 -15.53 -16.60
N LYS A 74 2.15 -16.02 -16.21
CA LYS A 74 1.95 -17.40 -15.80
C LYS A 74 2.66 -17.82 -14.51
N MET A 75 3.18 -16.88 -13.72
CA MET A 75 3.98 -17.20 -12.54
C MET A 75 3.47 -16.37 -11.35
N CYS A 76 3.78 -16.81 -10.13
CA CYS A 76 3.60 -15.99 -8.90
C CYS A 76 4.89 -15.26 -8.72
N GLU A 77 4.85 -13.93 -8.66
CA GLU A 77 6.06 -13.12 -8.46
C GLU A 77 5.90 -12.54 -7.07
N TYR A 78 6.97 -12.63 -6.27
CA TYR A 78 6.99 -12.16 -4.90
C TYR A 78 7.98 -11.06 -4.70
N LEU A 79 7.68 -10.23 -3.71
CA LEU A 79 8.63 -9.15 -3.34
C LEU A 79 8.44 -8.95 -1.86
N THR A 80 9.54 -8.94 -1.13
CA THR A 80 9.45 -8.66 0.30
C THR A 80 10.20 -7.41 0.70
N MET A 81 9.57 -6.53 1.46
CA MET A 81 10.31 -5.39 1.97
C MET A 81 10.13 -5.31 3.51
N THR A 82 11.13 -4.77 4.20
CA THR A 82 11.00 -4.63 5.66
C THR A 82 10.63 -3.24 6.09
N PHE A 83 9.54 -3.14 6.82
CA PHE A 83 9.02 -1.90 7.33
C PHE A 83 9.45 -1.86 8.79
N VAL A 84 10.29 -0.86 9.09
CA VAL A 84 10.90 -0.66 10.44
C VAL A 84 10.06 0.40 11.16
N PRO A 85 9.51 0.07 12.34
CA PRO A 85 8.62 1.04 12.96
C PRO A 85 9.37 2.34 13.33
N SER A 86 8.72 3.48 13.17
CA SER A 86 9.43 4.70 13.51
C SER A 86 8.85 5.18 14.84
N PRO A 87 9.15 6.44 15.26
CA PRO A 87 8.73 6.73 16.62
C PRO A 87 7.23 6.80 16.78
N GLN A 88 6.50 7.16 15.72
CA GLN A 88 5.03 7.22 15.79
C GLN A 88 4.40 5.85 15.43
N PRO A 89 3.72 5.17 16.40
CA PRO A 89 3.01 3.93 16.07
C PRO A 89 2.15 4.02 14.80
N GLY A 90 2.41 3.15 13.82
CA GLY A 90 1.60 3.17 12.58
C GLY A 90 2.30 3.88 11.44
N GLU A 91 3.53 4.34 11.70
CA GLU A 91 4.47 4.87 10.71
C GLU A 91 5.74 4.07 10.65
N PHE A 92 6.34 4.00 9.47
CA PHE A 92 7.46 3.10 9.22
C PHE A 92 8.37 3.69 8.17
N THR A 93 9.62 3.24 8.19
CA THR A 93 10.56 3.55 7.13
C THR A 93 11.01 2.22 6.58
N LEU A 94 11.88 2.26 5.61
CA LEU A 94 12.28 1.06 4.92
C LEU A 94 13.55 0.51 5.50
N GLY A 95 13.44 -0.74 5.96
CA GLY A 95 14.59 -1.55 6.36
C GLY A 95 15.62 -1.73 5.29
N ASN A 96 16.83 -1.30 5.69
CA ASN A 96 18.04 -1.53 4.97
C ASN A 96 17.92 -0.97 3.54
N ILE A 97 17.59 0.33 3.46
CA ILE A 97 17.34 1.03 2.19
C ILE A 97 18.55 1.06 1.25
N LYS A 98 19.76 1.03 1.84
CA LYS A 98 21.04 0.87 1.12
C LYS A 98 21.07 -0.35 0.20
N ASN A 99 20.17 -1.29 0.44
CA ASN A 99 20.07 -2.47 -0.43
C ASN A 99 19.14 -2.22 -1.63
N TYR A 100 18.58 -1.00 -1.73
CA TYR A 100 17.61 -0.67 -2.81
C TYR A 100 18.13 0.41 -3.75
N PRO A 101 18.59 0.02 -4.95
CA PRO A 101 19.26 0.98 -5.82
C PRO A 101 18.33 2.08 -6.32
N GLY A 102 18.70 3.34 -6.05
CA GLY A 102 17.97 4.48 -6.65
C GLY A 102 16.83 4.90 -5.77
N LEU A 103 16.63 4.15 -4.70
CA LEU A 103 15.60 4.45 -3.76
C LEU A 103 16.23 5.14 -2.58
N THR A 104 15.90 6.42 -2.39
CA THR A 104 16.58 7.17 -1.36
C THR A 104 15.73 7.56 -0.17
N SER A 105 14.41 7.49 -0.29
CA SER A 105 13.62 7.84 0.83
C SER A 105 12.34 6.98 0.74
N TYR A 106 11.77 6.56 1.87
CA TYR A 106 10.60 5.66 1.89
C TYR A 106 9.86 5.84 3.21
N PHE A 107 8.55 6.10 3.13
CA PHE A 107 7.73 6.38 4.28
C PHE A 107 6.36 5.72 4.17
N VAL A 108 5.93 5.13 5.26
CA VAL A 108 4.62 4.44 5.33
C VAL A 108 3.81 5.02 6.45
N ARG A 109 2.56 5.35 6.16
CA ARG A 109 1.65 5.72 7.20
C ARG A 109 0.33 4.97 7.08
N VAL A 110 -0.04 4.23 8.13
CA VAL A 110 -1.36 3.59 8.13
C VAL A 110 -2.39 4.65 8.50
N VAL A 111 -3.28 4.95 7.56
CA VAL A 111 -4.19 6.05 7.64
C VAL A 111 -5.38 5.73 8.51
N SER A 112 -5.95 4.55 8.31
CA SER A 112 -7.12 4.09 9.02
C SER A 112 -7.25 2.58 8.82
N THR A 113 -7.79 1.92 9.83
CA THR A 113 -8.08 0.48 9.76
C THR A 113 -9.01 0.10 10.91
N ASN A 114 -9.87 -0.92 10.67
CA ASN A 114 -10.54 -1.66 11.79
C ASN A 114 -9.91 -3.01 12.08
N TYR A 115 -8.70 -3.21 11.49
CA TYR A 115 -7.88 -4.43 11.60
C TYR A 115 -8.49 -5.74 11.09
N ASN A 116 -9.78 -5.93 11.25
CA ASN A 116 -10.43 -7.20 10.92
C ASN A 116 -11.15 -7.20 9.57
N GLN A 117 -11.30 -6.02 8.94
CA GLN A 117 -11.96 -5.96 7.61
C GLN A 117 -11.13 -5.14 6.57
N HIS A 118 -10.72 -3.93 6.95
CA HIS A 118 -10.16 -2.99 5.96
C HIS A 118 -9.11 -2.09 6.56
N ALA A 119 -8.26 -1.56 5.66
CA ALA A 119 -7.27 -0.60 6.02
C ALA A 119 -7.06 0.35 4.81
N MET A 120 -6.58 1.56 5.10
CA MET A 120 -5.92 2.41 4.11
C MET A 120 -4.53 2.73 4.54
N VAL A 121 -3.56 2.52 3.63
CA VAL A 121 -2.14 2.75 3.96
C VAL A 121 -1.55 3.71 2.91
N PHE A 122 -0.80 4.69 3.38
CA PHE A 122 -0.28 5.74 2.51
C PHE A 122 1.26 5.53 2.41
N PHE A 123 1.81 5.73 1.19
CA PHE A 123 3.25 5.55 0.93
C PHE A 123 3.81 6.79 0.29
N LYS A 124 5.05 7.16 0.60
CA LYS A 124 5.69 8.29 -0.11
C LYS A 124 7.15 7.88 -0.28
N LYS A 125 7.67 7.96 -1.49
CA LYS A 125 9.05 7.50 -1.61
C LYS A 125 9.72 8.38 -2.62
N VAL A 126 11.05 8.30 -2.63
CA VAL A 126 11.84 9.01 -3.60
C VAL A 126 12.72 7.99 -4.28
N GLN A 127 12.52 7.89 -5.58
CA GLN A 127 13.18 6.93 -6.46
C GLN A 127 13.72 7.66 -7.70
N GLN A 128 14.99 7.47 -8.06
CA GLN A 128 15.60 8.22 -9.18
C GLN A 128 15.36 9.72 -8.88
N ASN A 129 15.29 10.12 -7.61
CA ASN A 129 14.98 11.51 -7.22
C ASN A 129 13.71 12.13 -7.76
N ARG A 130 12.74 11.26 -8.08
CA ARG A 130 11.32 11.60 -8.32
C ARG A 130 10.52 11.19 -7.10
N GLU A 131 9.56 12.03 -6.74
CA GLU A 131 8.80 11.78 -5.54
C GLU A 131 7.45 11.18 -5.89
N TYR A 132 7.24 9.94 -5.41
CA TYR A 132 6.02 9.19 -5.66
C TYR A 132 5.27 9.09 -4.37
N PHE A 133 3.95 9.11 -4.49
CA PHE A 133 3.09 8.74 -3.41
C PHE A 133 1.97 7.83 -3.87
N SER A 134 1.47 7.04 -2.93
CA SER A 134 0.40 6.11 -3.25
C SER A 134 -0.45 5.81 -2.01
N ILE A 135 -1.64 5.27 -2.23
CA ILE A 135 -2.53 4.88 -1.15
C ILE A 135 -3.07 3.49 -1.53
N SER A 136 -3.05 2.54 -0.59
CA SER A 136 -3.66 1.26 -0.83
C SER A 136 -4.89 1.07 0.02
N LEU A 137 -5.91 0.48 -0.59
CA LEU A 137 -7.10 0.08 0.18
C LEU A 137 -6.97 -1.41 0.36
N LEU A 138 -6.91 -1.84 1.62
CA LEU A 138 -6.66 -3.23 1.94
C LEU A 138 -7.90 -3.84 2.53
N GLY A 139 -8.15 -5.11 2.17
CA GLY A 139 -9.32 -5.80 2.67
C GLY A 139 -8.79 -7.11 3.18
N ARG A 140 -9.43 -7.62 4.24
CA ARG A 140 -9.02 -8.97 4.70
C ARG A 140 -9.64 -10.04 3.75
N THR A 141 -10.61 -9.63 2.97
CA THR A 141 -11.23 -10.48 1.92
C THR A 141 -10.98 -9.79 0.57
N LYS A 142 -11.20 -10.52 -0.55
CA LYS A 142 -10.89 -9.99 -1.91
C LYS A 142 -11.77 -8.87 -2.36
N GLU A 143 -12.94 -8.72 -1.72
CA GLU A 143 -13.88 -7.67 -2.04
C GLU A 143 -14.25 -6.81 -0.81
N LEU A 144 -14.57 -5.55 -1.08
CA LEU A 144 -15.01 -4.62 -0.04
C LEU A 144 -16.30 -3.93 -0.49
N ALA A 145 -17.04 -3.45 0.50
CA ALA A 145 -18.25 -2.69 0.33
C ALA A 145 -18.02 -1.49 -0.56
N SER A 146 -19.01 -1.20 -1.38
CA SER A 146 -18.91 -0.08 -2.30
C SER A 146 -18.73 1.26 -1.59
N GLU A 147 -19.41 1.48 -0.47
CA GLU A 147 -19.17 2.70 0.34
C GLU A 147 -17.73 2.87 0.78
N LEU A 148 -17.05 1.78 1.16
CA LEU A 148 -15.58 1.85 1.41
C LEU A 148 -14.76 2.22 0.19
N LYS A 149 -15.11 1.67 -0.98
CA LYS A 149 -14.42 2.02 -2.22
C LYS A 149 -14.64 3.50 -2.53
N GLU A 150 -15.88 3.98 -2.34
CA GLU A 150 -16.19 5.41 -2.57
C GLU A 150 -15.37 6.26 -1.61
N ASN A 151 -15.27 5.86 -0.33
CA ASN A 151 -14.47 6.65 0.64
C ASN A 151 -13.02 6.73 0.20
N PHE A 152 -12.53 5.63 -0.37
CA PHE A 152 -11.12 5.56 -0.82
C PHE A 152 -10.93 6.49 -2.03
N ILE A 153 -11.89 6.50 -2.95
CA ILE A 153 -11.84 7.45 -4.08
C ILE A 153 -11.84 8.91 -3.57
N ARG A 154 -12.76 9.24 -2.68
CA ARG A 154 -12.81 10.57 -2.06
C ARG A 154 -11.48 10.98 -1.49
N PHE A 155 -10.95 10.11 -0.64
CA PHE A 155 -9.68 10.37 -0.01
C PHE A 155 -8.56 10.58 -1.03
N SER A 156 -8.49 9.68 -2.02
CA SER A 156 -7.46 9.80 -3.08
C SER A 156 -7.60 11.15 -3.83
N LYS A 157 -8.84 11.56 -4.13
CA LYS A 157 -9.01 12.83 -4.87
C LYS A 157 -8.63 14.01 -3.97
N SER A 158 -8.77 13.87 -2.64
CA SER A 158 -8.41 14.94 -1.70
C SER A 158 -6.89 15.14 -1.67
N LEU A 159 -6.14 14.12 -2.04
CA LEU A 159 -4.69 14.25 -2.22
C LEU A 159 -4.24 14.64 -3.61
N GLY A 160 -5.17 15.06 -4.47
CA GLY A 160 -4.86 15.63 -5.77
C GLY A 160 -4.94 14.63 -6.94
N LEU A 161 -5.33 13.36 -6.65
CA LEU A 161 -5.41 12.32 -7.70
C LEU A 161 -6.67 12.34 -8.56
N PRO A 162 -6.53 12.24 -9.87
CA PRO A 162 -7.75 12.09 -10.67
C PRO A 162 -8.23 10.63 -10.80
N GLU A 163 -9.42 10.47 -11.35
CA GLU A 163 -10.11 9.15 -11.36
C GLU A 163 -9.26 8.13 -12.12
N ASN A 164 -8.57 8.56 -13.17
CA ASN A 164 -7.72 7.61 -13.90
C ASN A 164 -6.43 7.14 -13.14
N HIS A 165 -6.18 7.68 -11.93
CA HIS A 165 -4.99 7.25 -11.13
C HIS A 165 -5.49 6.36 -9.96
N ILE A 166 -6.75 5.96 -9.99
CA ILE A 166 -7.31 5.13 -8.95
C ILE A 166 -7.85 3.88 -9.65
N VAL A 167 -7.51 2.69 -9.16
CA VAL A 167 -7.98 1.47 -9.83
C VAL A 167 -8.37 0.42 -8.77
N PHE A 168 -9.24 -0.52 -9.20
CA PHE A 168 -9.74 -1.59 -8.33
C PHE A 168 -9.44 -2.92 -9.00
N PRO A 169 -8.29 -3.55 -8.70
CA PRO A 169 -7.87 -4.78 -9.35
C PRO A 169 -8.89 -5.95 -9.21
N VAL A 170 -8.94 -6.82 -10.22
CA VAL A 170 -9.99 -7.88 -10.23
C VAL A 170 -9.43 -9.04 -9.41
N PRO A 171 -10.23 -9.55 -8.45
CA PRO A 171 -9.89 -10.81 -7.72
C PRO A 171 -9.51 -11.97 -8.64
N ILE A 172 -8.47 -12.74 -8.26
CA ILE A 172 -8.03 -13.88 -9.01
C ILE A 172 -7.86 -14.97 -7.96
N ASP A 173 -7.78 -16.21 -8.42
CA ASP A 173 -7.56 -17.35 -7.53
C ASP A 173 -6.10 -17.75 -7.50
N GLN A 174 -5.35 -17.56 -8.58
CA GLN A 174 -3.92 -17.96 -8.57
C GLN A 174 -3.05 -17.11 -7.63
N CYS A 175 -2.07 -17.75 -6.98
CA CYS A 175 -1.00 -17.06 -6.17
C CYS A 175 -1.52 -16.47 -4.88
N ILE A 176 -2.68 -15.84 -4.92
CA ILE A 176 -3.08 -15.04 -3.76
C ILE A 176 -4.06 -15.82 -2.82
N ASP A 177 -4.46 -17.03 -3.17
CA ASP A 177 -5.35 -17.79 -2.26
C ASP A 177 -5.25 -19.28 -2.46
N1 LIZ B . 2.30 -3.76 -5.72
N3 LIZ B . 3.71 -1.93 -1.51
C4 LIZ B . 1.18 -4.60 -5.31
C5 LIZ B . 5.68 -2.32 -5.53
C6 LIZ B . 5.90 -3.27 -4.33
C7 LIZ B . 1.32 -1.44 -1.24
C8 LIZ B . 2.48 -2.24 -0.70
C10 LIZ B . 4.25 -0.60 -1.14
C13 LIZ B . 4.67 -4.17 -2.31
C15 LIZ B . 5.83 -5.18 -2.08
C17 LIZ B . 6.03 -4.41 0.34
C20 LIZ B . 5.57 -6.00 -7.81
C21 LIZ B . 6.78 -6.71 -8.08
C22 LIZ B . 6.91 -8.06 -7.63
C24 LIZ B . 4.75 -7.93 -6.62
C26 LIZ B . 8.98 -8.82 -8.77
O7 LIZ B . 0.28 -1.32 -0.55
O8 LIZ B . 1.48 -0.87 -2.38
C9 LIZ B . 5.17 -0.14 -2.26
O10 LIZ B . 4.93 -0.52 -3.42
O9 LIZ B . 6.18 0.59 -1.98
C14 LIZ B . 4.81 -2.96 -1.34
C18 LIZ B . 4.88 -3.43 0.15
C16 LIZ B . 5.90 -5.63 -0.61
N2 LIZ B . 4.58 -3.78 -3.81
O6 LIZ B . 4.54 -1.82 -5.70
O5 LIZ B . 6.59 -2.11 -6.31
C12 LIZ B . 4.17 -4.98 -4.58
C11 LIZ B . 3.54 -4.61 -5.94
C3 LIZ B . 0.96 -4.47 -3.82
O4 LIZ B . 1.56 -3.57 -3.19
O3 LIZ B . 0.23 -5.30 -3.27
C2 LIZ B . 1.92 -3.04 -6.88
C1 LIZ B . 1.16 -1.90 -6.73
O2 LIZ B . 1.02 -1.42 -5.60
O1 LIZ B . 0.70 -1.36 -7.72
C25 LIZ B . 3.23 -5.94 -6.75
C19 LIZ B . 4.55 -6.64 -7.08
C23 LIZ B . 5.90 -8.62 -6.92
N4 LIZ B . 8.12 -8.82 -7.75
S1 LIZ B . 8.71 -7.89 -10.13
N5 LIZ B . 10.07 -9.60 -8.72
Y YT3 C . 2.90 -1.79 -4.03
#